data_9EK5
#
_entry.id   9EK5
#
_cell.length_a   99.317
_cell.length_b   99.317
_cell.length_c   50.403
_cell.angle_alpha   90.000
_cell.angle_beta   90.000
_cell.angle_gamma   90.000
#
_symmetry.space_group_name_H-M   'P 41 21 2'
#
loop_
_entity.id
_entity.type
_entity.pdbx_description
1 polymer 'E3 ubiquitin-protein ligase TRIM21'
2 non-polymer (3P)-3-(4-chloro-2-ethoxyphenyl)-6-fluoro-2-[(piperazin-1-yl)methyl]quinazolin-4(3H)-one
3 water water
#
_entity_poly.entity_id   1
_entity_poly.type   'polypeptide(L)'
_entity_poly.pdbx_seq_one_letter_code
;SNAHITLDPDTANPWLILSEDRRQVRLGDTQQSIPGNEERFDSYPMVLGAQHFHSGKHYWEVDVTGKEAWDLGVCRDSVR
RKGHFLLSSKSGFWTIWLWNKQKYEAGTYPQTPLHLQVPPCQVGIFLDYEAGMVSFYNITDHGSLIYSFSECAFTGPLRP
FFSPGFNDGGKNTAPLTLCPL
;
_entity_poly.pdbx_strand_id   A
#
# COMPACT_ATOMS: atom_id res chain seq x y z
N SER A 1 -5.05 -12.37 -12.25
CA SER A 1 -6.52 -12.30 -11.99
C SER A 1 -6.83 -11.03 -11.20
N ASN A 2 -7.66 -10.19 -11.82
CA ASN A 2 -8.25 -9.04 -11.17
C ASN A 2 -8.86 -9.42 -9.82
N ALA A 3 -8.46 -8.70 -8.78
CA ALA A 3 -9.05 -8.83 -7.45
C ALA A 3 -9.84 -7.57 -7.16
N HIS A 4 -11.02 -7.73 -6.56
CA HIS A 4 -11.79 -6.58 -6.10
C HIS A 4 -11.44 -6.32 -4.65
N ILE A 5 -10.67 -5.26 -4.40
CA ILE A 5 -10.13 -5.03 -3.07
C ILE A 5 -11.04 -4.05 -2.38
N THR A 6 -11.28 -4.29 -1.08
CA THR A 6 -11.89 -3.29 -0.21
C THR A 6 -10.99 -3.12 1.01
N LEU A 7 -11.18 -2.01 1.74
CA LEU A 7 -10.34 -1.72 2.89
C LEU A 7 -10.91 -2.34 4.16
N ASP A 8 -10.00 -2.82 5.02
CA ASP A 8 -10.41 -3.40 6.29
C ASP A 8 -10.48 -2.27 7.33
N PRO A 9 -11.68 -1.90 7.83
CA PRO A 9 -11.79 -0.86 8.84
C PRO A 9 -11.11 -1.20 10.16
N ASP A 10 -10.95 -2.49 10.47
CA ASP A 10 -10.34 -2.90 11.73
C ASP A 10 -8.84 -2.64 11.78
N THR A 11 -8.18 -2.50 10.61
CA THR A 11 -6.74 -2.25 10.55
C THR A 11 -6.41 -0.76 10.54
N ALA A 12 -7.33 0.08 10.06
CA ALA A 12 -7.07 1.48 9.77
C ALA A 12 -6.66 2.27 11.01
N ASN A 13 -5.53 2.97 10.89
CA ASN A 13 -5.03 3.88 11.90
C ASN A 13 -5.97 5.06 12.10
N PRO A 14 -6.15 5.53 13.35
CA PRO A 14 -7.08 6.59 13.67
C PRO A 14 -7.04 7.81 12.76
N TRP A 15 -5.87 8.10 12.19
CA TRP A 15 -5.70 9.30 11.37
C TRP A 15 -6.35 9.18 10.00
N LEU A 16 -7.01 8.05 9.71
CA LEU A 16 -7.44 7.78 8.34
C LEU A 16 -8.94 7.92 8.26
N ILE A 17 -9.38 8.37 7.08
CA ILE A 17 -10.77 8.49 6.74
C ILE A 17 -11.01 7.55 5.57
N LEU A 18 -11.77 6.46 5.80
CA LEU A 18 -12.20 5.56 4.73
C LEU A 18 -13.50 6.06 4.12
N SER A 19 -13.69 5.85 2.82
CA SER A 19 -15.01 6.06 2.23
C SER A 19 -15.99 5.02 2.78
N GLU A 20 -17.26 5.17 2.39
CA GLU A 20 -18.32 4.30 2.89
C GLU A 20 -18.35 3.05 2.01
N ASP A 21 -17.79 3.14 0.79
CA ASP A 21 -17.70 2.02 -0.12
C ASP A 21 -16.49 1.12 0.22
N ARG A 22 -15.57 1.62 1.04
CA ARG A 22 -14.38 0.88 1.44
C ARG A 22 -13.34 0.86 0.32
N ARG A 23 -13.48 1.78 -0.64
CA ARG A 23 -12.66 1.79 -1.84
C ARG A 23 -11.80 3.07 -1.93
N GLN A 24 -11.73 3.86 -0.85
CA GLN A 24 -11.06 5.15 -0.91
C GLN A 24 -10.56 5.48 0.50
N VAL A 25 -9.43 6.17 0.59
CA VAL A 25 -8.90 6.50 1.91
C VAL A 25 -8.01 7.74 1.78
N ARG A 26 -8.14 8.65 2.77
CA ARG A 26 -7.40 9.89 2.79
C ARG A 26 -6.83 10.06 4.19
N LEU A 27 -5.76 10.85 4.30
CA LEU A 27 -5.21 11.25 5.58
C LEU A 27 -6.01 12.42 6.13
N GLY A 28 -6.30 12.34 7.44
CA GLY A 28 -7.24 13.25 8.09
C GLY A 28 -6.54 14.29 8.97
N ASP A 29 -7.37 15.26 9.40
CA ASP A 29 -6.94 16.52 9.97
C ASP A 29 -6.66 16.36 11.47
N THR A 30 -7.22 15.31 12.08
CA THR A 30 -6.82 14.82 13.39
C THR A 30 -7.32 13.39 13.54
N GLN A 31 -6.76 12.69 14.54
CA GLN A 31 -7.19 11.35 14.90
C GLN A 31 -8.70 11.30 15.06
N GLN A 32 -9.25 10.09 14.86
CA GLN A 32 -10.62 9.78 15.20
C GLN A 32 -10.61 8.89 16.43
N SER A 33 -11.79 8.75 17.04
CA SER A 33 -11.90 7.94 18.23
C SER A 33 -12.54 6.61 17.84
N ILE A 34 -11.73 5.55 17.89
CA ILE A 34 -12.18 4.18 17.68
C ILE A 34 -11.38 3.29 18.63
N PRO A 35 -11.69 1.97 18.66
CA PRO A 35 -11.04 1.04 19.57
C PRO A 35 -9.60 0.74 19.21
N GLY A 36 -8.91 0.07 20.14
CA GLY A 36 -7.52 -0.33 19.95
C GLY A 36 -7.41 -1.85 19.90
N ASN A 37 -8.25 -2.45 19.06
CA ASN A 37 -8.17 -3.85 18.70
C ASN A 37 -6.78 -4.14 18.15
N GLU A 38 -6.33 -5.39 18.33
CA GLU A 38 -4.95 -5.76 18.13
C GLU A 38 -4.58 -5.72 16.63
N GLU A 39 -5.58 -5.59 15.76
CA GLU A 39 -5.34 -5.65 14.33
C GLU A 39 -5.03 -4.26 13.80
N ARG A 40 -5.18 -3.24 14.64
CA ARG A 40 -5.18 -1.87 14.18
C ARG A 40 -3.77 -1.30 14.28
N PHE A 41 -3.34 -0.61 13.22
CA PHE A 41 -2.05 0.07 13.19
C PHE A 41 -2.10 1.31 14.06
N ASP A 42 -1.35 1.29 15.18
CA ASP A 42 -1.35 2.38 16.14
C ASP A 42 -0.38 3.52 15.79
N SER A 43 0.74 3.24 15.10
CA SER A 43 1.85 4.20 15.06
C SER A 43 1.98 4.94 13.73
N TYR A 44 1.35 4.48 12.64
CA TYR A 44 1.53 5.15 11.35
C TYR A 44 0.19 5.13 10.61
N PRO A 45 -0.08 6.03 9.65
CA PRO A 45 -1.35 6.02 8.90
C PRO A 45 -1.45 4.95 7.81
N MET A 46 -1.64 3.70 8.25
CA MET A 46 -1.69 2.54 7.38
C MET A 46 -3.02 1.80 7.55
N VAL A 47 -3.45 1.10 6.49
CA VAL A 47 -4.58 0.20 6.50
C VAL A 47 -4.37 -0.94 5.48
N LEU A 48 -4.91 -2.11 5.79
CA LEU A 48 -4.89 -3.27 4.90
C LEU A 48 -6.19 -3.40 4.11
N GLY A 49 -6.10 -4.13 3.01
CA GLY A 49 -7.28 -4.67 2.34
C GLY A 49 -7.86 -5.82 3.14
N ALA A 50 -9.17 -6.03 2.99
CA ALA A 50 -9.89 -7.11 3.67
C ALA A 50 -9.52 -8.49 3.12
N GLN A 51 -9.19 -8.52 1.83
CA GLN A 51 -8.84 -9.77 1.18
C GLN A 51 -7.53 -10.29 1.76
N HIS A 52 -7.51 -11.59 2.06
CA HIS A 52 -6.31 -12.34 2.39
C HIS A 52 -5.97 -13.20 1.17
N PHE A 53 -4.70 -13.36 0.83
CA PHE A 53 -4.30 -14.21 -0.29
C PHE A 53 -3.34 -15.29 0.20
N HIS A 54 -3.74 -16.55 0.00
CA HIS A 54 -3.00 -17.70 0.51
C HIS A 54 -2.28 -18.41 -0.64
N SER A 55 -2.60 -17.96 -1.87
CA SER A 55 -2.16 -18.61 -3.09
C SER A 55 -2.72 -17.80 -4.26
N GLY A 56 -2.18 -18.10 -5.45
CA GLY A 56 -2.76 -17.67 -6.72
C GLY A 56 -2.19 -16.33 -7.15
N LYS A 57 -2.89 -15.69 -8.10
CA LYS A 57 -2.44 -14.48 -8.77
C LYS A 57 -3.50 -13.41 -8.65
N HIS A 58 -3.10 -12.21 -8.25
CA HIS A 58 -4.06 -11.18 -7.90
C HIS A 58 -3.56 -9.83 -8.34
N TYR A 59 -4.40 -9.09 -9.06
CA TYR A 59 -3.98 -7.80 -9.57
C TYR A 59 -4.98 -6.73 -9.14
N TRP A 60 -4.48 -5.53 -8.85
CA TRP A 60 -5.37 -4.41 -8.60
C TRP A 60 -4.66 -3.10 -8.87
N GLU A 61 -5.47 -2.04 -9.00
CA GLU A 61 -5.01 -0.72 -9.43
C GLU A 61 -5.38 0.33 -8.37
N VAL A 62 -4.47 1.31 -8.19
CA VAL A 62 -4.67 2.39 -7.23
C VAL A 62 -4.41 3.72 -7.95
N ASP A 63 -5.40 4.61 -7.89
CA ASP A 63 -5.27 5.99 -8.35
C ASP A 63 -4.54 6.78 -7.27
N VAL A 64 -3.46 7.46 -7.67
CA VAL A 64 -2.65 8.26 -6.75
C VAL A 64 -2.54 9.70 -7.27
N THR A 65 -3.42 10.13 -8.20
CA THR A 65 -3.29 11.42 -8.86
C THR A 65 -3.21 12.54 -7.81
N GLY A 66 -2.25 13.45 -7.97
CA GLY A 66 -2.17 14.65 -7.17
C GLY A 66 -1.33 14.47 -5.92
N LYS A 67 -1.24 13.23 -5.42
CA LYS A 67 -0.68 13.02 -4.09
C LYS A 67 0.82 13.31 -4.11
N GLU A 68 1.33 13.79 -2.98
CA GLU A 68 2.73 14.12 -2.79
C GLU A 68 3.45 13.04 -2.01
N ALA A 69 2.71 12.15 -1.34
CA ALA A 69 3.30 10.96 -0.76
C ALA A 69 2.24 9.89 -0.62
N TRP A 70 2.70 8.64 -0.41
CA TRP A 70 1.88 7.45 -0.38
C TRP A 70 2.76 6.21 -0.37
N ASP A 71 2.18 5.06 0.01
CA ASP A 71 2.89 3.79 0.03
C ASP A 71 1.92 2.67 -0.32
N LEU A 72 2.33 1.79 -1.23
CA LEU A 72 1.47 0.72 -1.71
C LEU A 72 2.21 -0.61 -1.64
N GLY A 73 1.44 -1.69 -1.70
CA GLY A 73 2.01 -3.01 -1.92
C GLY A 73 1.25 -4.08 -1.15
N VAL A 74 2.01 -4.97 -0.51
CA VAL A 74 1.47 -6.19 0.01
C VAL A 74 2.28 -6.50 1.27
N CYS A 75 1.67 -7.17 2.26
CA CYS A 75 2.40 -7.54 3.46
C CYS A 75 1.87 -8.84 4.03
N ARG A 76 2.73 -9.51 4.80
CA ARG A 76 2.31 -10.63 5.61
C ARG A 76 1.18 -10.18 6.51
N ASP A 77 0.15 -11.02 6.66
CA ASP A 77 -0.87 -10.78 7.64
C ASP A 77 -0.23 -10.78 9.03
N SER A 78 0.86 -11.52 9.22
CA SER A 78 1.42 -11.70 10.54
C SER A 78 2.29 -10.52 11.02
N VAL A 79 2.40 -9.42 10.24
CA VAL A 79 3.19 -8.25 10.64
C VAL A 79 2.61 -7.65 11.93
N ARG A 80 3.48 -7.16 12.81
CA ARG A 80 3.03 -6.45 14.01
C ARG A 80 2.29 -5.18 13.58
N ARG A 81 1.26 -4.83 14.35
CA ARG A 81 0.42 -3.69 14.09
C ARG A 81 0.70 -2.58 15.11
N LYS A 82 1.37 -3.00 16.20
CA LYS A 82 1.59 -2.18 17.37
C LYS A 82 3.03 -1.70 17.40
N GLY A 83 3.22 -0.43 17.04
CA GLY A 83 4.49 0.23 17.27
C GLY A 83 5.17 0.60 15.95
N HIS A 84 6.50 0.64 16.03
CA HIS A 84 7.36 1.26 15.03
C HIS A 84 8.06 0.18 14.22
N PHE A 85 8.10 0.40 12.91
CA PHE A 85 8.75 -0.53 12.00
C PHE A 85 9.05 0.26 10.72
N LEU A 86 9.99 -0.31 9.95
CA LEU A 86 10.23 0.13 8.58
C LEU A 86 9.46 -0.75 7.62
N LEU A 87 9.14 -0.19 6.45
CA LEU A 87 8.60 -0.97 5.36
C LEU A 87 9.71 -1.64 4.57
N SER A 88 10.10 -2.85 4.98
CA SER A 88 11.22 -3.55 4.38
C SER A 88 10.85 -4.99 3.99
N SER A 89 11.31 -5.45 2.81
CA SER A 89 11.31 -6.85 2.41
C SER A 89 11.75 -7.80 3.51
N LYS A 90 12.69 -7.37 4.36
CA LYS A 90 13.21 -8.15 5.49
C LYS A 90 12.17 -8.33 6.58
N SER A 91 11.15 -7.47 6.59
CA SER A 91 10.25 -7.35 7.73
C SER A 91 8.77 -7.50 7.31
N GLY A 92 8.51 -8.20 6.21
CA GLY A 92 7.16 -8.64 5.89
C GLY A 92 6.42 -7.69 4.95
N PHE A 93 7.15 -6.80 4.27
CA PHE A 93 6.50 -5.81 3.41
C PHE A 93 7.17 -5.70 2.05
N TRP A 94 6.31 -5.71 1.03
CA TRP A 94 6.72 -5.56 -0.35
C TRP A 94 6.03 -4.34 -0.91
N THR A 95 6.72 -3.20 -0.82
CA THR A 95 6.07 -1.90 -1.01
C THR A 95 6.89 -1.01 -1.93
N ILE A 96 6.19 -0.15 -2.64
CA ILE A 96 6.84 1.02 -3.17
C ILE A 96 6.20 2.23 -2.52
N TRP A 97 6.83 3.39 -2.72
CA TRP A 97 6.30 4.62 -2.16
C TRP A 97 6.82 5.85 -2.89
N LEU A 98 6.01 6.89 -2.79
CA LEU A 98 6.39 8.26 -3.11
C LEU A 98 6.59 9.01 -1.80
N TRP A 99 7.77 9.62 -1.68
CA TRP A 99 8.14 10.46 -0.55
C TRP A 99 8.49 11.83 -1.08
N ASN A 100 8.01 12.87 -0.38
CA ASN A 100 8.43 14.25 -0.63
C ASN A 100 8.00 14.75 -2.00
N LYS A 101 7.03 14.10 -2.65
CA LYS A 101 6.51 14.54 -3.94
C LYS A 101 7.46 14.23 -5.11
N GLN A 102 8.73 13.89 -4.85
CA GLN A 102 9.70 13.74 -5.94
C GLN A 102 10.40 12.39 -5.96
N LYS A 103 10.56 11.76 -4.78
CA LYS A 103 11.40 10.59 -4.60
C LYS A 103 10.56 9.30 -4.54
N TYR A 104 10.56 8.52 -5.65
CA TYR A 104 10.02 7.16 -5.63
C TYR A 104 11.10 6.21 -5.13
N GLU A 105 10.72 5.27 -4.26
CA GLU A 105 11.63 4.22 -3.83
C GLU A 105 10.87 2.90 -3.65
N ALA A 106 11.62 1.80 -3.53
CA ALA A 106 11.07 0.49 -3.30
C ALA A 106 11.65 -0.10 -2.02
N GLY A 107 10.82 -0.86 -1.29
CA GLY A 107 11.03 -1.15 0.12
C GLY A 107 12.03 -2.28 0.34
N THR A 108 13.21 -2.16 -0.28
CA THR A 108 14.29 -3.09 0.00
C THR A 108 14.94 -2.58 1.28
N TYR A 109 15.80 -3.40 1.89
CA TYR A 109 16.60 -2.85 2.96
C TYR A 109 18.09 -2.84 2.65
N PRO A 110 18.71 -1.66 2.42
CA PRO A 110 17.99 -0.41 2.38
C PRO A 110 17.24 -0.23 1.07
N GLN A 111 16.42 0.80 1.01
CA GLN A 111 15.47 0.90 -0.08
C GLN A 111 16.23 1.14 -1.37
N THR A 112 15.49 1.10 -2.47
CA THR A 112 16.06 1.23 -3.79
C THR A 112 15.41 2.40 -4.48
N PRO A 113 16.20 3.43 -4.87
CA PRO A 113 15.69 4.53 -5.68
C PRO A 113 15.15 4.11 -7.03
N LEU A 114 14.06 4.75 -7.45
CA LEU A 114 13.42 4.47 -8.71
C LEU A 114 13.42 5.77 -9.52
N HIS A 115 13.80 5.66 -10.77
CA HIS A 115 13.81 6.83 -11.64
C HIS A 115 12.71 6.58 -12.65
N LEU A 116 11.58 7.26 -12.47
CA LEU A 116 10.45 7.07 -13.36
C LEU A 116 10.43 8.17 -14.41
N GLN A 117 10.27 7.79 -15.67
CA GLN A 117 10.16 8.73 -16.77
C GLN A 117 8.82 9.47 -16.59
N VAL A 118 7.71 8.71 -16.65
CA VAL A 118 6.39 9.27 -16.46
C VAL A 118 6.02 9.06 -15.00
N PRO A 119 5.78 10.13 -14.21
CA PRO A 119 5.28 9.94 -12.86
C PRO A 119 3.87 9.36 -12.90
N PRO A 120 3.62 8.25 -12.16
CA PRO A 120 2.36 7.53 -12.25
C PRO A 120 1.20 8.24 -11.58
N CYS A 121 0.14 8.48 -12.37
CA CYS A 121 -1.17 8.82 -11.85
C CYS A 121 -1.90 7.57 -11.35
N GLN A 122 -1.37 6.38 -11.69
CA GLN A 122 -2.07 5.14 -11.41
C GLN A 122 -1.08 3.98 -11.40
N VAL A 123 -1.24 3.07 -10.44
CA VAL A 123 -0.27 2.02 -10.16
C VAL A 123 -0.97 0.66 -10.13
N GLY A 124 -0.38 -0.35 -10.80
CA GLY A 124 -0.87 -1.72 -10.67
C GLY A 124 -0.02 -2.53 -9.69
N ILE A 125 -0.66 -3.34 -8.84
CA ILE A 125 0.08 -4.32 -8.06
C ILE A 125 -0.30 -5.69 -8.59
N PHE A 126 0.71 -6.53 -8.85
CA PHE A 126 0.50 -7.91 -9.24
C PHE A 126 1.17 -8.80 -8.21
N LEU A 127 0.38 -9.66 -7.57
CA LEU A 127 0.91 -10.66 -6.66
C LEU A 127 0.87 -12.02 -7.34
N ASP A 128 2.02 -12.69 -7.40
CA ASP A 128 2.08 -14.08 -7.80
C ASP A 128 2.59 -14.93 -6.63
N TYR A 129 1.68 -15.57 -5.90
CA TYR A 129 2.03 -16.12 -4.62
C TYR A 129 3.09 -17.20 -4.84
N GLU A 130 2.84 -18.09 -5.83
CA GLU A 130 3.65 -19.29 -6.02
C GLU A 130 5.02 -18.95 -6.60
N ALA A 131 5.06 -18.02 -7.55
CA ALA A 131 6.31 -17.44 -8.02
C ALA A 131 7.09 -16.74 -6.91
N GLY A 132 6.42 -16.20 -5.88
CA GLY A 132 7.11 -15.38 -4.90
C GLY A 132 7.50 -14.03 -5.48
N MET A 133 6.58 -13.40 -6.21
CA MET A 133 6.77 -12.08 -6.76
C MET A 133 5.64 -11.11 -6.44
N VAL A 134 6.01 -9.84 -6.27
CA VAL A 134 5.10 -8.71 -6.18
C VAL A 134 5.64 -7.67 -7.15
N SER A 135 4.83 -7.27 -8.13
CA SER A 135 5.32 -6.43 -9.20
C SER A 135 4.49 -5.16 -9.24
N PHE A 136 5.14 -4.02 -9.50
CA PHE A 136 4.45 -2.75 -9.58
C PHE A 136 4.57 -2.21 -10.99
N TYR A 137 3.44 -1.75 -11.55
CA TYR A 137 3.34 -1.35 -12.93
C TYR A 137 2.84 0.10 -13.02
N ASN A 138 3.45 0.86 -13.91
CA ASN A 138 3.10 2.24 -14.12
C ASN A 138 2.02 2.32 -15.19
N ILE A 139 0.74 2.47 -14.81
CA ILE A 139 -0.37 2.40 -15.75
C ILE A 139 -0.36 3.61 -16.70
N THR A 140 0.01 4.78 -16.16
CA THR A 140 0.11 6.03 -16.91
C THR A 140 1.07 5.88 -18.09
N ASP A 141 2.11 5.06 -17.90
CA ASP A 141 3.12 4.78 -18.91
C ASP A 141 2.88 3.40 -19.54
N HIS A 142 1.62 3.04 -19.77
CA HIS A 142 1.30 1.88 -20.57
C HIS A 142 1.74 0.56 -19.93
N GLY A 143 1.96 0.52 -18.61
CA GLY A 143 2.20 -0.75 -17.93
C GLY A 143 3.69 -1.06 -17.74
N SER A 144 4.56 -0.06 -17.87
CA SER A 144 5.98 -0.29 -17.70
C SER A 144 6.24 -0.72 -16.27
N LEU A 145 7.19 -1.64 -16.07
CA LEU A 145 7.45 -2.17 -14.76
C LEU A 145 8.09 -1.07 -13.93
N ILE A 146 7.48 -0.75 -12.78
CA ILE A 146 8.11 0.14 -11.82
C ILE A 146 9.16 -0.65 -11.04
N TYR A 147 8.82 -1.83 -10.55
CA TYR A 147 9.75 -2.57 -9.72
C TYR A 147 9.16 -3.93 -9.41
N SER A 148 10.04 -4.89 -9.11
CA SER A 148 9.59 -6.23 -8.85
C SER A 148 10.43 -6.88 -7.77
N PHE A 149 9.73 -7.33 -6.75
CA PHE A 149 10.34 -8.18 -5.77
C PHE A 149 10.15 -9.61 -6.25
N SER A 150 11.20 -10.40 -6.11
CA SER A 150 11.18 -11.81 -6.46
C SER A 150 11.91 -12.56 -5.36
N GLU A 151 11.69 -13.88 -5.30
CA GLU A 151 12.25 -14.72 -4.28
C GLU A 151 11.72 -14.27 -2.92
N CYS A 152 10.49 -13.74 -2.88
CA CYS A 152 9.81 -13.46 -1.62
C CYS A 152 9.37 -14.80 -1.06
N ALA A 153 9.77 -15.15 0.16
CA ALA A 153 9.45 -16.48 0.66
C ALA A 153 8.12 -16.42 1.41
N PHE A 154 7.04 -16.43 0.63
CA PHE A 154 5.72 -16.27 1.20
C PHE A 154 5.42 -17.45 2.08
N THR A 155 5.11 -17.12 3.33
CA THR A 155 4.61 -18.09 4.28
C THR A 155 3.34 -17.48 4.87
N GLY A 156 2.25 -18.25 4.85
CA GLY A 156 0.96 -17.79 5.32
C GLY A 156 0.37 -16.73 4.39
N PRO A 157 -0.80 -16.15 4.76
CA PRO A 157 -1.54 -15.25 3.88
C PRO A 157 -1.03 -13.82 3.89
N LEU A 158 -1.33 -13.13 2.79
CA LEU A 158 -0.87 -11.78 2.52
C LEU A 158 -2.08 -10.86 2.37
N ARG A 159 -1.84 -9.56 2.48
CA ARG A 159 -2.91 -8.57 2.45
C ARG A 159 -2.48 -7.45 1.54
N PRO A 160 -3.41 -6.78 0.85
CA PRO A 160 -3.08 -5.52 0.23
C PRO A 160 -2.78 -4.46 1.30
N PHE A 161 -1.81 -3.57 1.01
CA PHE A 161 -1.27 -2.60 1.96
C PHE A 161 -1.36 -1.20 1.36
N PHE A 162 -1.80 -0.23 2.19
CA PHE A 162 -1.95 1.14 1.73
C PHE A 162 -1.65 2.16 2.84
N SER A 163 -1.18 3.34 2.43
CA SER A 163 -0.98 4.49 3.31
C SER A 163 -1.04 5.75 2.46
N PRO A 164 -1.94 6.69 2.72
CA PRO A 164 -2.09 7.85 1.84
C PRO A 164 -1.16 9.01 2.17
N GLY A 165 -0.29 8.84 3.17
CA GLY A 165 0.59 9.91 3.61
C GLY A 165 0.96 9.73 5.09
N PHE A 166 1.91 10.54 5.59
CA PHE A 166 2.39 10.40 6.95
C PHE A 166 1.98 11.57 7.85
N ASN A 167 1.96 12.80 7.34
CA ASN A 167 1.58 13.96 8.15
C ASN A 167 0.82 14.99 7.31
N ASP A 168 -0.35 15.44 7.79
CA ASP A 168 -1.21 16.26 6.96
C ASP A 168 -0.62 17.67 6.86
N GLY A 169 0.56 17.88 7.49
CA GLY A 169 1.39 19.06 7.31
C GLY A 169 1.21 19.74 5.95
N GLY A 170 1.34 18.98 4.86
CA GLY A 170 1.22 19.53 3.51
C GLY A 170 -0.24 19.76 3.09
N LYS A 171 -0.64 19.08 2.01
CA LYS A 171 -2.02 19.02 1.54
C LYS A 171 -2.28 17.62 1.04
N ASN A 172 -2.00 16.60 1.86
CA ASN A 172 -2.14 15.23 1.38
C ASN A 172 -3.57 14.77 1.68
N THR A 173 -4.52 15.67 1.37
CA THR A 173 -5.94 15.48 1.66
C THR A 173 -6.54 14.55 0.60
N ALA A 174 -5.95 14.50 -0.60
CA ALA A 174 -6.48 13.63 -1.65
C ALA A 174 -6.33 12.16 -1.25
N PRO A 175 -7.26 11.31 -1.72
CA PRO A 175 -7.27 9.92 -1.36
C PRO A 175 -6.53 9.01 -2.34
N LEU A 176 -6.08 7.86 -1.81
CA LEU A 176 -5.88 6.64 -2.59
C LEU A 176 -7.25 6.08 -2.94
N THR A 177 -7.44 5.78 -4.22
CA THR A 177 -8.70 5.27 -4.75
C THR A 177 -8.40 3.96 -5.48
N LEU A 178 -9.20 2.93 -5.22
CA LEU A 178 -9.06 1.64 -5.88
C LEU A 178 -9.88 1.66 -7.16
N CYS A 179 -9.24 1.45 -8.32
CA CYS A 179 -9.90 1.70 -9.59
C CYS A 179 -10.78 0.53 -9.95
N PRO A 180 -11.88 0.77 -10.68
CA PRO A 180 -12.63 -0.29 -11.31
C PRO A 180 -11.77 -1.02 -12.34
N LEU A 181 -11.67 -2.35 -12.17
CA LEU A 181 -10.86 -3.27 -12.95
C LEU A 181 -9.39 -3.11 -12.50
#